data_5KEZ
#
_entry.id   5KEZ
#
_cell.length_a   52.800
_cell.length_b   75.840
_cell.length_c   137.260
_cell.angle_alpha   90.00
_cell.angle_beta   90.00
_cell.angle_gamma   90.00
#
_symmetry.space_group_name_H-M   'P 21 21 21'
#
loop_
_entity.id
_entity.type
_entity.pdbx_description
1 polymer 'Pancreatic alpha-amylase'
2 polymer ACE-DTY-PRO-TYR-SER-CYS-TRP-VAL-ARG-HIS-NH2
3 non-polymer 'CHLORIDE ION'
4 non-polymer 'CALCIUM ION'
5 water water
#
loop_
_entity_poly.entity_id
_entity_poly.type
_entity_poly.pdbx_seq_one_letter_code
_entity_poly.pdbx_strand_id
1 'polypeptide(L)'
;(PCA)YSPNTQQGRTSIVHLFEWRWVDIALECERYLAPKGFGGVQVSPPNENVAIYNPFRPWWERYQPVSYKLCTRSGNE
DEFRNMVTRCNNVGVRIYVDAVINHMCGNAVSAGTSSTCGSYFNPGSRDFPAVPYSGWDFNDGKCKTGSGDIENYNDATQ
VRDCRLTGLLDLALEKDYVRSKIAEYMNHLIDIGVAGFRLDASKHMWPGDIKAILDKLHNLNSNWFPAGSKPFIYQEVID
LGGEPIKSSDYFGNGRVTEFKYGAKLGTVIRKWNGEKMSYLKNWGEGWGFVPSDRALVFVDNHDNQRGHGAGGASILTFW
DARLYKMAVGFMLAHPYGFTRVMSSYRWPRQFQNGNDVNDWVGPPNNNGVIKEVTINPDTTCGNDWVCEHRWRQIRNMVI
FRNVVDGQPFTNWYDNGSNQVAFGRGNRGFIVFNNDDWSFSLTLQTGLPAGTYCDVISGDKINGNCTGIKIYVSDDGKAH
FSISNSAEDPFIAIHAESKL
;
A
2 'polypeptide(L)' (ACE)(DTY)PYSCWVRH(NH2) B
#
loop_
_chem_comp.id
_chem_comp.type
_chem_comp.name
_chem_comp.formula
ACE non-polymer 'ACETYL GROUP' 'C2 H4 O'
CA non-polymer 'CALCIUM ION' 'Ca 2'
CL non-polymer 'CHLORIDE ION' 'Cl -1'
NH2 non-polymer 'AMINO GROUP' 'H2 N'
#
# COMPACT_ATOMS: atom_id res chain seq x y z
N PCA A 1 -13.66 -0.44 12.44
CA PCA A 1 -12.50 0.17 11.80
CB PCA A 1 -11.66 0.90 12.83
CG PCA A 1 -12.00 0.28 14.17
CD PCA A 1 -13.32 -0.39 13.86
OE PCA A 1 -14.05 -0.83 14.76
C PCA A 1 -11.64 -0.93 11.15
O PCA A 1 -10.69 -0.63 10.42
N TYR A 2 -11.97 -2.18 11.41
CA TYR A 2 -11.14 -3.28 10.91
C TYR A 2 -11.59 -3.78 9.53
N SER A 3 -12.80 -3.46 9.16
CA SER A 3 -13.32 -3.98 7.89
C SER A 3 -12.99 -3.02 6.74
N PRO A 4 -12.47 -3.52 5.62
CA PRO A 4 -12.19 -2.64 4.48
C PRO A 4 -13.39 -2.00 3.86
N ASN A 5 -14.60 -2.56 4.06
CA ASN A 5 -15.81 -2.02 3.44
C ASN A 5 -15.78 -2.17 1.94
N THR A 6 -15.04 -3.15 1.43
CA THR A 6 -15.10 -3.42 0.01
C THR A 6 -16.39 -4.15 -0.34
N GLN A 7 -16.71 -4.14 -1.63
CA GLN A 7 -17.83 -4.93 -2.12
C GLN A 7 -17.56 -6.41 -1.90
N GLN A 8 -18.63 -7.17 -1.70
CA GLN A 8 -18.61 -8.62 -1.61
C GLN A 8 -17.66 -9.23 -2.65
N GLY A 9 -16.66 -9.98 -2.18
CA GLY A 9 -15.80 -10.71 -3.08
C GLY A 9 -14.71 -9.92 -3.75
N ARG A 10 -14.40 -8.71 -3.27
CA ARG A 10 -13.22 -7.97 -3.68
C ARG A 10 -12.29 -7.87 -2.48
N THR A 11 -11.02 -8.29 -2.64
CA THR A 11 -10.17 -8.60 -1.51
C THR A 11 -8.84 -7.85 -1.48
N SER A 12 -8.61 -6.89 -2.37
CA SER A 12 -7.34 -6.17 -2.40
C SER A 12 -7.58 -4.69 -2.66
N ILE A 13 -6.60 -3.88 -2.30
CA ILE A 13 -6.59 -2.48 -2.70
C ILE A 13 -5.29 -2.20 -3.43
N VAL A 14 -5.31 -1.20 -4.30
CA VAL A 14 -4.11 -0.84 -5.06
C VAL A 14 -3.77 0.61 -4.74
N HIS A 15 -2.49 0.87 -4.44
CA HIS A 15 -2.01 2.23 -4.22
C HIS A 15 -1.66 2.84 -5.58
N LEU A 16 -2.51 3.73 -6.09
CA LEU A 16 -2.21 4.47 -7.32
C LEU A 16 -1.41 5.72 -6.90
N PHE A 17 -0.12 5.48 -6.65
CA PHE A 17 0.82 6.45 -6.09
C PHE A 17 0.97 7.68 -6.97
N GLU A 18 0.53 8.84 -6.49
CA GLU A 18 0.66 10.14 -7.16
C GLU A 18 -0.19 10.26 -8.41
N TRP A 19 -1.16 9.38 -8.62
CA TRP A 19 -2.04 9.53 -9.76
C TRP A 19 -2.94 10.76 -9.58
N ARG A 20 -3.33 11.34 -10.72
CA ARG A 20 -4.34 12.39 -10.75
C ARG A 20 -5.72 11.80 -10.54
N TRP A 21 -6.60 12.61 -9.95
CA TRP A 21 -7.97 12.16 -9.67
C TRP A 21 -8.70 11.73 -10.93
N VAL A 22 -8.55 12.47 -12.02
CA VAL A 22 -9.32 12.14 -13.23
C VAL A 22 -8.84 10.80 -13.80
N ASP A 23 -7.55 10.49 -13.63
CA ASP A 23 -7.04 9.21 -14.11
C ASP A 23 -7.49 8.06 -13.22
N ILE A 24 -7.60 8.30 -11.91
CA ILE A 24 -8.11 7.27 -11.02
C ILE A 24 -9.59 7.00 -11.30
N ALA A 25 -10.36 8.06 -11.54
CA ALA A 25 -11.78 7.89 -11.88
C ALA A 25 -11.94 7.04 -13.13
N LEU A 26 -11.17 7.33 -14.17
CA LEU A 26 -11.20 6.50 -15.37
C LEU A 26 -10.76 5.07 -15.08
N GLU A 27 -9.68 4.90 -14.30
CA GLU A 27 -9.17 3.56 -14.01
C GLU A 27 -10.21 2.73 -13.28
N CYS A 28 -10.95 3.34 -12.35
CA CYS A 28 -12.03 2.62 -11.67
C CYS A 28 -12.99 2.00 -12.67
N GLU A 29 -13.39 2.78 -13.67
CA GLU A 29 -14.42 2.35 -14.61
C GLU A 29 -13.86 1.37 -15.64
N ARG A 30 -12.67 1.62 -16.15
CA ARG A 30 -12.18 0.83 -17.29
C ARG A 30 -11.39 -0.40 -16.87
N TYR A 31 -10.99 -0.52 -15.61
CA TYR A 31 -10.10 -1.62 -15.24
C TYR A 31 -10.39 -2.17 -13.86
N LEU A 32 -10.39 -1.31 -12.84
CA LEU A 32 -10.45 -1.80 -11.46
C LEU A 32 -11.76 -2.53 -11.19
N ALA A 33 -12.87 -1.98 -11.69
CA ALA A 33 -14.17 -2.64 -11.47
C ALA A 33 -14.26 -3.96 -12.23
N PRO A 34 -14.12 -4.02 -13.56
CA PRO A 34 -14.22 -5.34 -14.23
C PRO A 34 -13.20 -6.38 -13.75
N LYS A 35 -12.00 -5.98 -13.32
CA LYS A 35 -11.00 -6.97 -12.92
C LYS A 35 -11.06 -7.35 -11.44
N GLY A 36 -12.02 -6.83 -10.68
CA GLY A 36 -12.26 -7.30 -9.32
C GLY A 36 -11.43 -6.64 -8.24
N PHE A 37 -10.91 -5.44 -8.46
CA PHE A 37 -10.15 -4.74 -7.44
C PHE A 37 -11.08 -4.12 -6.41
N GLY A 38 -10.69 -4.19 -5.13
CA GLY A 38 -11.53 -3.68 -4.06
C GLY A 38 -11.53 -2.17 -3.87
N GLY A 39 -10.39 -1.54 -4.09
CA GLY A 39 -10.31 -0.12 -3.77
C GLY A 39 -8.96 0.45 -4.12
N VAL A 40 -8.85 1.76 -3.93
CA VAL A 40 -7.67 2.53 -4.28
C VAL A 40 -7.24 3.35 -3.06
N GLN A 41 -5.96 3.22 -2.70
CA GLN A 41 -5.32 4.17 -1.80
C GLN A 41 -4.81 5.33 -2.66
N VAL A 42 -5.26 6.56 -2.34
CA VAL A 42 -4.86 7.75 -3.07
C VAL A 42 -3.80 8.50 -2.27
N SER A 43 -2.95 9.25 -2.98
CA SER A 43 -2.01 10.15 -2.34
C SER A 43 -2.76 11.22 -1.55
N PRO A 44 -2.10 11.84 -0.56
CA PRO A 44 -2.81 12.80 0.30
C PRO A 44 -3.51 13.87 -0.53
N PRO A 45 -4.80 14.09 -0.31
CA PRO A 45 -5.55 15.03 -1.14
C PRO A 45 -5.59 16.47 -0.65
N ASN A 46 -4.96 16.78 0.49
CA ASN A 46 -4.96 18.12 1.06
C ASN A 46 -3.75 18.92 0.60
N GLU A 47 -3.90 20.25 0.62
CA GLU A 47 -2.89 21.17 0.11
C GLU A 47 -1.58 21.03 0.88
N ASN A 48 -0.47 21.09 0.15
CA ASN A 48 0.85 20.82 0.70
C ASN A 48 1.83 21.87 0.21
N VAL A 49 3.03 21.88 0.80
CA VAL A 49 4.08 22.81 0.36
C VAL A 49 4.53 22.43 -1.04
N ALA A 50 4.66 23.44 -1.90
CA ALA A 50 5.30 23.26 -3.20
C ALA A 50 6.80 23.46 -3.00
N ILE A 51 7.56 22.37 -3.10
CA ILE A 51 9.00 22.40 -2.86
C ILE A 51 9.71 22.41 -4.21
N TYR A 52 10.54 23.42 -4.44
CA TYR A 52 11.21 23.58 -5.73
C TYR A 52 12.68 23.20 -5.73
N ASN A 53 13.30 23.01 -4.56
CA ASN A 53 14.62 22.40 -4.54
C ASN A 53 14.69 21.34 -3.45
N PRO A 54 14.74 20.07 -3.85
CA PRO A 54 14.71 19.57 -5.23
C PRO A 54 13.35 19.81 -5.89
N PHE A 55 13.25 19.57 -7.19
CA PHE A 55 12.10 20.02 -7.96
C PHE A 55 10.90 19.09 -7.73
N ARG A 56 9.94 19.54 -6.93
CA ARG A 56 8.66 18.87 -6.72
C ARG A 56 8.79 17.40 -6.31
N PRO A 57 9.46 17.12 -5.19
CA PRO A 57 9.63 15.72 -4.77
C PRO A 57 8.29 15.11 -4.37
N TRP A 58 8.21 13.77 -4.47
CA TRP A 58 6.97 13.13 -4.05
C TRP A 58 6.62 13.43 -2.59
N TRP A 59 7.63 13.57 -1.72
CA TRP A 59 7.33 13.73 -0.31
C TRP A 59 6.97 15.16 0.09
N GLU A 60 6.90 16.10 -0.85
CA GLU A 60 6.30 17.39 -0.49
C GLU A 60 4.84 17.20 -0.05
N ARG A 61 4.19 16.14 -0.54
CA ARG A 61 2.79 15.88 -0.21
C ARG A 61 2.61 15.38 1.22
N TYR A 62 3.69 15.13 1.94
CA TYR A 62 3.61 14.82 3.36
C TYR A 62 3.95 16.01 4.22
N GLN A 63 3.86 17.23 3.66
CA GLN A 63 4.07 18.48 4.40
C GLN A 63 2.86 19.38 4.18
N PRO A 64 1.80 19.17 4.95
CA PRO A 64 0.55 19.92 4.76
C PRO A 64 0.69 21.42 5.00
N VAL A 65 -0.12 22.18 4.29
CA VAL A 65 -0.25 23.63 4.45
C VAL A 65 -1.68 23.94 4.87
N SER A 66 -2.64 23.15 4.40
CA SER A 66 -4.04 23.32 4.80
C SER A 66 -4.78 22.02 4.52
N TYR A 67 -6.09 22.05 4.78
CA TYR A 67 -6.94 20.89 4.51
C TYR A 67 -7.85 21.14 3.32
N LYS A 68 -7.55 22.16 2.51
CA LYS A 68 -8.24 22.30 1.23
C LYS A 68 -7.86 21.14 0.33
N LEU A 69 -8.83 20.66 -0.44
CA LEU A 69 -8.62 19.48 -1.31
C LEU A 69 -8.07 19.94 -2.67
N CYS A 70 -6.82 20.36 -2.65
CA CYS A 70 -6.27 21.10 -3.78
C CYS A 70 -4.77 20.76 -3.89
N THR A 71 -4.43 19.89 -4.85
CA THR A 71 -3.09 19.31 -4.97
C THR A 71 -2.71 19.19 -6.44
N ARG A 72 -1.49 18.69 -6.69
CA ARG A 72 -1.12 18.36 -8.07
C ARG A 72 -1.99 17.24 -8.64
N SER A 73 -2.67 16.46 -7.80
CA SER A 73 -3.58 15.45 -8.33
C SER A 73 -4.91 16.03 -8.80
N GLY A 74 -5.26 17.24 -8.35
CA GLY A 74 -6.52 17.85 -8.76
C GLY A 74 -7.19 18.63 -7.65
N ASN A 75 -8.32 19.26 -7.97
CA ASN A 75 -9.04 20.14 -7.06
C ASN A 75 -10.19 19.37 -6.41
N GLU A 76 -11.02 20.08 -5.63
CA GLU A 76 -12.09 19.40 -4.90
C GLU A 76 -13.11 18.81 -5.86
N ASP A 77 -13.45 19.53 -6.94
CA ASP A 77 -14.43 18.99 -7.88
C ASP A 77 -13.95 17.67 -8.47
N GLU A 78 -12.69 17.63 -8.90
CA GLU A 78 -12.13 16.43 -9.48
C GLU A 78 -12.05 15.31 -8.45
N PHE A 79 -11.71 15.65 -7.20
CA PHE A 79 -11.70 14.63 -6.15
C PHE A 79 -13.09 14.06 -5.92
N ARG A 80 -14.08 14.93 -5.71
CA ARG A 80 -15.46 14.46 -5.54
C ARG A 80 -15.90 13.60 -6.73
N ASN A 81 -15.61 14.08 -7.95
CA ASN A 81 -15.95 13.33 -9.16
C ASN A 81 -15.32 11.94 -9.14
N MET A 82 -14.06 11.84 -8.72
CA MET A 82 -13.41 10.53 -8.69
C MET A 82 -14.08 9.61 -7.67
N VAL A 83 -14.35 10.11 -6.46
CA VAL A 83 -14.91 9.25 -5.42
C VAL A 83 -16.31 8.77 -5.81
N THR A 84 -17.11 9.65 -6.40
CA THR A 84 -18.44 9.24 -6.86
C THR A 84 -18.37 8.19 -7.97
N ARG A 85 -17.51 8.42 -8.97
CA ARG A 85 -17.47 7.47 -10.10
C ARG A 85 -16.93 6.11 -9.67
N CYS A 86 -15.94 6.10 -8.79
CA CYS A 86 -15.43 4.82 -8.31
C CYS A 86 -16.47 4.10 -7.47
N ASN A 87 -17.07 4.80 -6.49
CA ASN A 87 -18.11 4.16 -5.68
C ASN A 87 -19.23 3.60 -6.54
N ASN A 88 -19.56 4.30 -7.64
CA ASN A 88 -20.68 3.88 -8.47
C ASN A 88 -20.38 2.61 -9.26
N VAL A 89 -19.12 2.19 -9.35
CA VAL A 89 -18.82 0.88 -9.94
C VAL A 89 -18.26 -0.08 -8.90
N GLY A 90 -18.40 0.25 -7.62
CA GLY A 90 -18.07 -0.67 -6.54
C GLY A 90 -16.60 -0.74 -6.18
N VAL A 91 -15.85 0.32 -6.42
CA VAL A 91 -14.43 0.40 -6.08
C VAL A 91 -14.26 1.53 -5.08
N ARG A 92 -13.68 1.22 -3.92
CA ARG A 92 -13.60 2.18 -2.83
C ARG A 92 -12.36 3.06 -2.95
N ILE A 93 -12.39 4.16 -2.20
CA ILE A 93 -11.29 5.11 -2.11
C ILE A 93 -10.85 5.17 -0.67
N TYR A 94 -9.56 4.98 -0.43
CA TYR A 94 -8.95 5.15 0.88
C TYR A 94 -7.97 6.31 0.81
N VAL A 95 -8.04 7.22 1.77
CA VAL A 95 -7.26 8.46 1.75
C VAL A 95 -6.05 8.32 2.66
N ASP A 96 -4.90 8.78 2.16
CA ASP A 96 -3.67 8.93 2.94
C ASP A 96 -3.81 10.21 3.77
N ALA A 97 -4.08 10.05 5.06
CA ALA A 97 -4.34 11.16 5.97
C ALA A 97 -3.06 11.57 6.68
N VAL A 98 -2.60 12.79 6.43
CA VAL A 98 -1.37 13.29 7.02
C VAL A 98 -1.80 14.24 8.14
N ILE A 99 -1.82 13.72 9.36
CA ILE A 99 -2.42 14.43 10.49
C ILE A 99 -1.48 14.55 11.68
N ASN A 100 -0.28 13.96 11.61
CA ASN A 100 0.68 14.15 12.70
C ASN A 100 1.26 15.54 12.72
N HIS A 101 1.35 16.19 11.55
CA HIS A 101 2.19 17.38 11.44
C HIS A 101 1.69 18.26 10.30
N MET A 102 2.18 19.50 10.29
CA MET A 102 2.12 20.34 9.11
C MET A 102 3.49 20.28 8.43
N CYS A 103 3.98 21.38 7.88
CA CYS A 103 5.18 21.29 7.06
C CYS A 103 6.44 21.50 7.90
N GLY A 104 7.60 21.46 7.22
CA GLY A 104 8.87 21.56 7.91
C GLY A 104 9.06 22.93 8.54
N ASN A 105 9.65 22.94 9.74
CA ASN A 105 9.77 24.19 10.48
C ASN A 105 10.71 25.18 9.79
N ALA A 106 11.56 24.72 8.86
CA ALA A 106 12.50 25.59 8.17
C ALA A 106 12.02 26.00 6.79
N VAL A 107 10.79 25.65 6.42
CA VAL A 107 10.27 26.08 5.13
C VAL A 107 10.04 27.58 5.16
N SER A 108 10.37 28.26 4.04
CA SER A 108 10.19 29.70 3.91
C SER A 108 8.71 30.06 3.84
N ALA A 109 8.32 31.07 4.61
CA ALA A 109 6.95 31.55 4.56
C ALA A 109 6.64 32.15 3.19
N GLY A 110 5.35 32.26 2.90
CA GLY A 110 4.88 32.72 1.61
C GLY A 110 3.68 31.93 1.11
N THR A 111 3.58 31.79 -0.21
CA THR A 111 2.45 31.11 -0.83
C THR A 111 2.92 30.02 -1.77
N SER A 112 4.10 29.44 -1.52
CA SER A 112 4.58 28.31 -2.31
C SER A 112 3.86 27.05 -1.83
N SER A 113 2.60 26.95 -2.23
CA SER A 113 1.69 25.90 -1.79
C SER A 113 0.81 25.48 -2.95
N THR A 114 0.25 24.27 -2.87
CA THR A 114 -0.41 23.75 -4.06
C THR A 114 -1.76 24.43 -4.35
N CYS A 115 -2.30 25.21 -3.42
CA CYS A 115 -3.48 26.02 -3.70
C CYS A 115 -3.23 27.52 -3.57
N GLY A 116 -1.97 27.94 -3.41
CA GLY A 116 -1.66 29.34 -3.18
C GLY A 116 -1.94 29.86 -1.79
N SER A 117 -2.36 29.01 -0.85
CA SER A 117 -2.59 29.47 0.52
C SER A 117 -1.31 30.02 1.14
N TYR A 118 -1.46 31.08 1.95
CA TYR A 118 -0.35 31.61 2.70
C TYR A 118 -0.06 30.73 3.92
N PHE A 119 1.21 30.64 4.30
CA PHE A 119 1.60 29.96 5.52
C PHE A 119 2.97 30.45 5.95
N ASN A 120 3.23 30.38 7.27
CA ASN A 120 4.48 30.88 7.84
C ASN A 120 4.93 29.89 8.91
N PRO A 121 5.84 28.97 8.57
CA PRO A 121 6.22 27.94 9.56
C PRO A 121 6.98 28.50 10.75
N GLY A 122 7.85 29.49 10.52
CA GLY A 122 8.60 30.06 11.63
C GLY A 122 7.70 30.64 12.71
N SER A 123 6.62 31.30 12.32
CA SER A 123 5.65 31.85 13.27
C SER A 123 4.47 30.92 13.49
N ARG A 124 4.53 29.69 12.95
CA ARG A 124 3.51 28.66 13.17
C ARG A 124 2.11 29.11 12.72
N ASP A 125 2.03 29.95 11.71
CA ASP A 125 0.76 30.45 11.23
C ASP A 125 0.36 29.69 9.97
N PHE A 126 -0.75 28.96 10.07
CA PHE A 126 -1.39 28.29 8.94
C PHE A 126 -2.82 28.80 8.88
N PRO A 127 -3.03 30.03 8.41
CA PRO A 127 -4.35 30.66 8.53
C PRO A 127 -5.41 30.02 7.66
N ALA A 128 -5.03 29.17 6.70
CA ALA A 128 -6.04 28.52 5.89
C ALA A 128 -6.74 27.37 6.62
N VAL A 129 -6.28 26.98 7.80
CA VAL A 129 -6.96 25.92 8.53
C VAL A 129 -8.07 26.49 9.44
N PRO A 130 -7.76 27.42 10.37
CA PRO A 130 -6.51 28.03 10.82
C PRO A 130 -5.83 27.29 11.98
N TYR A 131 -4.50 27.23 11.94
CA TYR A 131 -3.66 26.86 13.07
C TYR A 131 -2.78 28.03 13.47
N SER A 132 -2.48 28.13 14.76
CA SER A 132 -1.53 29.10 15.29
C SER A 132 -0.50 28.38 16.14
N GLY A 133 0.42 29.15 16.73
CA GLY A 133 1.44 28.54 17.56
C GLY A 133 0.89 27.76 18.73
N TRP A 134 -0.31 28.13 19.20
CA TRP A 134 -0.98 27.40 20.27
C TRP A 134 -1.36 25.98 19.88
N ASP A 135 -1.28 25.64 18.59
CA ASP A 135 -1.75 24.36 18.09
C ASP A 135 -0.63 23.35 17.87
N PHE A 136 0.61 23.68 18.27
CA PHE A 136 1.75 22.81 18.05
C PHE A 136 2.43 22.47 19.37
N ASN A 137 3.30 21.45 19.33
CA ASN A 137 3.87 20.85 20.53
C ASN A 137 5.19 21.48 20.95
N ASP A 138 5.47 22.72 20.54
CA ASP A 138 6.76 23.33 20.86
C ASP A 138 7.00 23.37 22.39
N GLY A 139 5.97 23.71 23.16
CA GLY A 139 6.12 23.73 24.61
C GLY A 139 6.10 22.37 25.27
N LYS A 140 5.60 21.35 24.58
CA LYS A 140 5.45 20.00 25.11
C LYS A 140 6.71 19.17 24.95
N CYS A 141 7.44 19.37 23.86
CA CYS A 141 8.63 18.60 23.56
C CYS A 141 9.78 18.98 24.50
N LYS A 142 10.56 17.98 24.91
CA LYS A 142 11.59 18.15 25.93
C LYS A 142 13.01 18.01 25.40
N THR A 143 13.20 17.84 24.09
CA THR A 143 14.54 17.70 23.56
C THR A 143 15.16 19.08 23.32
N GLY A 144 16.49 19.13 23.39
CA GLY A 144 17.18 20.39 23.17
C GLY A 144 16.90 20.98 21.80
N SER A 145 16.92 20.14 20.75
CA SER A 145 16.71 20.62 19.40
C SER A 145 15.24 20.87 19.07
N GLY A 146 14.32 20.30 19.84
CA GLY A 146 12.92 20.30 19.45
C GLY A 146 12.54 19.22 18.48
N ASP A 147 13.51 18.45 17.99
CA ASP A 147 13.27 17.33 17.09
C ASP A 147 13.38 16.01 17.83
N ILE A 148 12.96 14.94 17.16
CA ILE A 148 13.07 13.60 17.74
C ILE A 148 14.52 13.14 17.67
N GLU A 149 15.09 12.80 18.82
CA GLU A 149 16.50 12.50 18.96
C GLU A 149 16.77 11.08 19.41
N ASN A 150 15.88 10.47 20.19
CA ASN A 150 16.10 9.13 20.72
C ASN A 150 14.83 8.31 20.58
N TYR A 151 14.88 7.22 19.79
CA TYR A 151 13.71 6.38 19.59
C TYR A 151 13.51 5.33 20.68
N ASN A 152 14.39 5.29 21.68
CA ASN A 152 14.11 4.53 22.89
C ASN A 152 13.22 5.29 23.87
N ASP A 153 12.89 6.54 23.56
CA ASP A 153 12.05 7.38 24.42
C ASP A 153 10.70 7.58 23.75
N ALA A 154 9.72 6.78 24.15
CA ALA A 154 8.43 6.78 23.46
C ALA A 154 7.75 8.14 23.54
N THR A 155 8.05 8.93 24.57
CA THR A 155 7.39 10.23 24.72
C THR A 155 7.83 11.22 23.64
N GLN A 156 9.15 11.37 23.44
CA GLN A 156 9.59 12.39 22.48
C GLN A 156 9.27 11.97 21.05
N VAL A 157 9.23 10.67 20.77
CA VAL A 157 8.78 10.18 19.46
C VAL A 157 7.40 10.74 19.14
N ARG A 158 6.58 10.98 20.16
CA ARG A 158 5.23 11.48 19.99
C ARG A 158 5.12 13.00 20.07
N ASP A 159 5.90 13.65 20.95
CA ASP A 159 5.67 15.07 21.19
C ASP A 159 6.67 15.99 20.51
N CYS A 160 7.74 15.45 19.94
CA CYS A 160 8.75 16.26 19.28
C CYS A 160 8.60 16.19 17.76
N ARG A 161 9.39 17.01 17.08
CA ARG A 161 9.22 17.21 15.65
C ARG A 161 9.92 16.11 14.88
N LEU A 162 9.15 15.37 14.07
CA LEU A 162 9.73 14.34 13.21
C LEU A 162 10.50 15.02 12.07
N THR A 163 11.82 14.87 12.09
CA THR A 163 12.73 15.55 11.15
C THR A 163 12.35 17.00 10.92
N GLY A 164 12.01 17.68 12.00
CA GLY A 164 11.70 19.09 11.92
C GLY A 164 10.30 19.42 11.44
N LEU A 165 9.46 18.42 11.15
CA LEU A 165 8.08 18.71 10.76
C LEU A 165 7.27 19.19 11.96
N LEU A 166 6.56 20.32 11.80
CA LEU A 166 5.84 20.95 12.91
C LEU A 166 4.79 20.00 13.48
N ASP A 167 4.93 19.67 14.76
CA ASP A 167 4.16 18.60 15.37
C ASP A 167 2.88 19.15 15.97
N LEU A 168 1.74 18.69 15.47
CA LEU A 168 0.46 19.20 15.95
C LEU A 168 0.17 18.70 17.36
N ALA A 169 -0.49 19.57 18.13
CA ALA A 169 -0.84 19.27 19.53
C ALA A 169 -2.15 18.49 19.54
N LEU A 170 -2.03 17.19 19.30
CA LEU A 170 -3.19 16.33 19.08
C LEU A 170 -4.00 16.09 20.35
N GLU A 171 -3.52 16.55 21.51
CA GLU A 171 -4.34 16.43 22.70
C GLU A 171 -5.41 17.52 22.78
N LYS A 172 -5.26 18.60 22.00
CA LYS A 172 -6.18 19.72 22.09
C LYS A 172 -7.45 19.42 21.30
N ASP A 173 -8.59 19.66 21.93
CA ASP A 173 -9.86 19.43 21.25
C ASP A 173 -9.98 20.22 19.96
N TYR A 174 -9.49 21.47 19.96
CA TYR A 174 -9.58 22.29 18.74
C TYR A 174 -8.84 21.63 17.59
N VAL A 175 -7.64 21.14 17.84
CA VAL A 175 -6.86 20.50 16.77
C VAL A 175 -7.53 19.20 16.34
N ARG A 176 -7.98 18.39 17.31
CA ARG A 176 -8.71 17.17 16.95
C ARG A 176 -9.92 17.51 16.09
N SER A 177 -10.58 18.64 16.38
CA SER A 177 -11.81 18.98 15.69
C SER A 177 -11.52 19.49 14.28
N LYS A 178 -10.41 20.20 14.09
CA LYS A 178 -10.02 20.60 12.73
C LYS A 178 -9.68 19.36 11.89
N ILE A 179 -8.98 18.41 12.49
CA ILE A 179 -8.63 17.20 11.75
C ILE A 179 -9.89 16.39 11.43
N ALA A 180 -10.77 16.24 12.41
CA ALA A 180 -12.00 15.49 12.17
C ALA A 180 -12.89 16.17 11.15
N GLU A 181 -12.92 17.50 11.15
CA GLU A 181 -13.65 18.22 10.12
C GLU A 181 -13.11 17.87 8.73
N TYR A 182 -11.79 17.80 8.59
CA TYR A 182 -11.18 17.42 7.33
C TYR A 182 -11.58 16.00 6.93
N MET A 183 -11.44 15.04 7.85
CA MET A 183 -11.78 13.65 7.54
C MET A 183 -13.27 13.45 7.33
N ASN A 184 -14.11 14.23 8.02
CA ASN A 184 -15.55 14.10 7.81
C ASN A 184 -15.97 14.68 6.46
N HIS A 185 -15.29 15.74 6.01
CA HIS A 185 -15.48 16.20 4.65
C HIS A 185 -15.22 15.06 3.67
N LEU A 186 -14.13 14.33 3.88
CA LEU A 186 -13.81 13.23 2.98
C LEU A 186 -14.80 12.09 3.12
N ILE A 187 -15.20 11.77 4.35
CA ILE A 187 -16.15 10.68 4.55
C ILE A 187 -17.46 10.96 3.83
N ASP A 188 -17.94 12.20 3.92
CA ASP A 188 -19.24 12.51 3.32
C ASP A 188 -19.14 12.57 1.81
N ILE A 189 -17.98 12.94 1.26
CA ILE A 189 -17.75 12.78 -0.17
C ILE A 189 -17.89 11.32 -0.57
N GLY A 190 -17.49 10.41 0.31
CA GLY A 190 -17.69 9.00 0.08
C GLY A 190 -16.48 8.11 0.27
N VAL A 191 -15.39 8.59 0.89
CA VAL A 191 -14.22 7.72 1.05
C VAL A 191 -14.56 6.62 2.05
N ALA A 192 -13.91 5.46 1.89
CA ALA A 192 -14.24 4.29 2.70
C ALA A 192 -13.32 4.10 3.90
N GLY A 193 -12.21 4.83 3.96
CA GLY A 193 -11.29 4.63 5.05
C GLY A 193 -10.06 5.48 4.87
N PHE A 194 -9.09 5.27 5.76
CA PHE A 194 -7.91 6.11 5.85
C PHE A 194 -6.67 5.30 6.17
N ARG A 195 -5.59 5.63 5.48
CA ARG A 195 -4.24 5.31 5.92
C ARG A 195 -3.79 6.43 6.84
N LEU A 196 -3.43 6.11 8.10
CA LEU A 196 -3.02 7.16 9.03
C LEU A 196 -1.50 7.27 8.98
N ASP A 197 -1.01 8.26 8.25
CA ASP A 197 0.43 8.44 8.07
C ASP A 197 1.10 8.72 9.41
N ALA A 198 2.31 8.17 9.58
CA ALA A 198 3.19 8.48 10.70
C ALA A 198 2.53 8.17 12.05
N SER A 199 1.80 7.06 12.12
CA SER A 199 1.02 6.78 13.32
C SER A 199 1.91 6.52 14.53
N LYS A 200 3.14 6.05 14.32
CA LYS A 200 4.05 5.85 15.45
C LYS A 200 4.27 7.14 16.21
N HIS A 201 4.21 8.28 15.53
CA HIS A 201 4.50 9.58 16.14
C HIS A 201 3.25 10.24 16.71
N MET A 202 2.16 9.49 16.85
CA MET A 202 0.95 9.95 17.51
C MET A 202 0.62 9.01 18.66
N TRP A 203 0.05 9.57 19.73
CA TRP A 203 -0.41 8.73 20.83
C TRP A 203 -1.62 7.92 20.37
N PRO A 204 -1.67 6.62 20.68
CA PRO A 204 -2.89 5.84 20.36
C PRO A 204 -4.17 6.49 20.86
N GLY A 205 -4.13 7.13 22.03
CA GLY A 205 -5.34 7.74 22.57
C GLY A 205 -5.72 9.04 21.90
N ASP A 206 -4.76 9.75 21.31
CA ASP A 206 -5.12 10.92 20.52
C ASP A 206 -5.76 10.50 19.22
N ILE A 207 -5.25 9.44 18.60
CA ILE A 207 -5.89 8.89 17.41
C ILE A 207 -7.33 8.49 17.72
N LYS A 208 -7.53 7.79 18.83
CA LYS A 208 -8.89 7.39 19.21
C LYS A 208 -9.80 8.61 19.35
N ALA A 209 -9.29 9.69 19.96
CA ALA A 209 -10.12 10.87 20.19
C ALA A 209 -10.50 11.56 18.88
N ILE A 210 -9.63 11.50 17.86
CA ILE A 210 -9.99 12.00 16.55
C ILE A 210 -11.03 11.09 15.89
N LEU A 211 -10.79 9.77 15.93
CA LEU A 211 -11.72 8.85 15.28
C LEU A 211 -13.09 8.89 15.93
N ASP A 212 -13.16 9.11 17.25
CA ASP A 212 -14.43 9.26 17.94
C ASP A 212 -15.32 10.32 17.31
N LYS A 213 -14.73 11.33 16.66
CA LYS A 213 -15.46 12.44 16.08
C LYS A 213 -15.94 12.19 14.66
N LEU A 214 -15.65 11.04 14.07
CA LEU A 214 -15.94 10.83 12.66
C LEU A 214 -17.37 10.37 12.42
N HIS A 215 -17.96 10.83 11.32
CA HIS A 215 -19.25 10.33 10.87
C HIS A 215 -19.15 8.84 10.53
N ASN A 216 -20.32 8.20 10.41
CA ASN A 216 -20.38 6.92 9.71
C ASN A 216 -20.26 7.16 8.20
N LEU A 217 -20.03 6.07 7.46
CA LEU A 217 -19.80 6.18 6.03
C LEU A 217 -21.06 6.63 5.31
N ASN A 218 -20.86 7.22 4.14
CA ASN A 218 -21.96 7.78 3.37
C ASN A 218 -23.01 6.73 3.08
N SER A 219 -24.23 6.99 3.55
CA SER A 219 -25.28 5.97 3.49
C SER A 219 -25.87 5.78 2.10
N ASN A 220 -25.42 6.52 1.08
CA ASN A 220 -25.78 6.16 -0.29
C ASN A 220 -25.04 4.92 -0.77
N TRP A 221 -23.85 4.67 -0.24
CA TRP A 221 -23.04 3.59 -0.76
C TRP A 221 -22.77 2.49 0.24
N PHE A 222 -22.84 2.77 1.53
CA PHE A 222 -22.47 1.84 2.56
C PHE A 222 -23.65 1.56 3.49
N PRO A 223 -23.72 0.35 4.06
CA PRO A 223 -24.81 0.05 4.98
C PRO A 223 -24.76 0.95 6.21
N ALA A 224 -25.92 1.20 6.80
CA ALA A 224 -25.98 2.11 7.95
C ALA A 224 -25.11 1.60 9.09
N GLY A 225 -24.46 2.52 9.78
CA GLY A 225 -23.56 2.15 10.85
C GLY A 225 -22.18 1.71 10.41
N SER A 226 -21.87 1.79 9.11
CA SER A 226 -20.54 1.45 8.64
C SER A 226 -19.51 2.46 9.14
N LYS A 227 -18.36 1.97 9.52
CA LYS A 227 -17.28 2.81 10.05
C LYS A 227 -16.10 2.85 9.08
N PRO A 228 -15.40 3.99 9.00
CA PRO A 228 -14.22 4.04 8.12
C PRO A 228 -13.20 2.97 8.46
N PHE A 229 -12.73 2.27 7.42
CA PHE A 229 -11.57 1.40 7.54
C PHE A 229 -10.35 2.22 7.97
N ILE A 230 -9.66 1.78 9.01
CA ILE A 230 -8.49 2.49 9.52
C ILE A 230 -7.29 1.55 9.45
N TYR A 231 -6.26 1.93 8.71
CA TYR A 231 -4.98 1.24 8.82
C TYR A 231 -3.90 2.26 9.14
N GLN A 232 -3.15 1.98 10.19
CA GLN A 232 -2.18 2.91 10.75
C GLN A 232 -0.77 2.51 10.33
N GLU A 233 -0.04 3.47 9.76
CA GLU A 233 1.34 3.21 9.38
C GLU A 233 2.22 3.26 10.62
N VAL A 234 2.65 2.09 11.08
CA VAL A 234 3.58 1.93 12.18
C VAL A 234 4.64 0.93 11.70
N ILE A 235 5.89 1.37 11.65
CA ILE A 235 6.99 0.48 11.29
C ILE A 235 7.50 -0.14 12.58
N ASP A 236 7.14 -1.40 12.82
CA ASP A 236 7.55 -2.13 14.03
C ASP A 236 8.27 -3.40 13.61
N LEU A 237 9.60 -3.37 13.66
CA LEU A 237 10.43 -4.54 13.41
C LEU A 237 10.97 -5.13 14.71
N GLY A 238 10.38 -4.78 15.84
CA GLY A 238 10.89 -5.19 17.14
C GLY A 238 11.98 -4.26 17.64
N GLY A 239 12.36 -4.49 18.89
CA GLY A 239 13.49 -3.78 19.47
C GLY A 239 13.24 -2.33 19.86
N GLU A 240 12.01 -1.84 19.74
CA GLU A 240 11.66 -0.48 20.11
C GLU A 240 10.57 -0.51 21.19
N PRO A 241 10.45 0.55 21.99
CA PRO A 241 9.43 0.56 23.05
C PRO A 241 8.02 0.63 22.50
N ILE A 242 7.84 1.23 21.33
CA ILE A 242 6.52 1.34 20.72
C ILE A 242 6.23 0.09 19.92
N LYS A 243 5.11 -0.55 20.19
CA LYS A 243 4.70 -1.76 19.51
C LYS A 243 3.46 -1.48 18.67
N SER A 244 3.36 -2.12 17.51
CA SER A 244 2.21 -1.87 16.67
C SER A 244 0.92 -2.33 17.36
N SER A 245 1.01 -3.30 18.27
CA SER A 245 -0.17 -3.76 19.00
C SER A 245 -0.77 -2.64 19.84
N ASP A 246 0.01 -1.62 20.20
CA ASP A 246 -0.53 -0.49 20.94
C ASP A 246 -1.60 0.26 20.16
N TYR A 247 -1.74 -0.03 18.86
CA TYR A 247 -2.67 0.67 17.99
C TYR A 247 -3.86 -0.20 17.57
N PHE A 248 -3.99 -1.43 18.09
CA PHE A 248 -5.05 -2.32 17.63
C PHE A 248 -6.43 -1.82 18.00
N GLY A 249 -6.55 -0.96 19.03
CA GLY A 249 -7.84 -0.42 19.40
C GLY A 249 -8.43 0.47 18.33
N ASN A 250 -7.57 1.08 17.48
CA ASN A 250 -8.02 2.07 16.50
C ASN A 250 -8.28 1.48 15.12
N GLY A 251 -7.73 0.32 14.80
CA GLY A 251 -7.88 -0.23 13.46
C GLY A 251 -6.73 -1.17 13.15
N ARG A 252 -6.55 -1.45 11.85
CA ARG A 252 -5.43 -2.30 11.47
C ARG A 252 -4.11 -1.53 11.53
N VAL A 253 -3.01 -2.25 11.34
CA VAL A 253 -1.70 -1.65 11.20
C VAL A 253 -0.96 -2.24 10.00
N THR A 254 -0.13 -1.42 9.37
CA THR A 254 0.81 -1.89 8.37
C THR A 254 1.77 -2.91 8.97
N GLU A 255 1.92 -4.06 8.34
CA GLU A 255 2.89 -5.05 8.82
C GLU A 255 4.14 -4.96 7.94
N PHE A 256 5.12 -4.14 8.37
CA PHE A 256 6.33 -3.96 7.56
C PHE A 256 7.30 -5.13 7.68
N LYS A 257 7.14 -6.02 8.67
CA LYS A 257 7.93 -7.25 8.65
C LYS A 257 7.60 -8.12 7.45
N TYR A 258 6.38 -8.02 6.95
CA TYR A 258 5.90 -8.93 5.91
C TYR A 258 6.78 -8.86 4.67
N GLY A 259 6.91 -7.67 4.10
CA GLY A 259 7.65 -7.53 2.86
C GLY A 259 9.14 -7.64 3.05
N ALA A 260 9.63 -7.26 4.22
CA ALA A 260 11.06 -7.37 4.50
C ALA A 260 11.47 -8.84 4.55
N LYS A 261 10.68 -9.65 5.26
CA LYS A 261 10.99 -11.07 5.35
C LYS A 261 10.76 -11.77 4.02
N LEU A 262 9.69 -11.43 3.31
CA LEU A 262 9.41 -12.12 2.05
C LEU A 262 10.48 -11.78 1.01
N GLY A 263 10.96 -10.54 1.02
CA GLY A 263 12.02 -10.18 0.11
C GLY A 263 13.30 -10.96 0.35
N THR A 264 13.72 -11.05 1.62
CA THR A 264 14.92 -11.82 1.93
C THR A 264 14.74 -13.28 1.56
N VAL A 265 13.55 -13.84 1.78
CA VAL A 265 13.31 -15.25 1.47
C VAL A 265 13.40 -15.49 -0.04
N ILE A 266 12.68 -14.70 -0.83
CA ILE A 266 12.65 -14.98 -2.25
C ILE A 266 13.98 -14.62 -2.90
N ARG A 267 14.71 -13.65 -2.34
CA ARG A 267 16.06 -13.43 -2.82
C ARG A 267 17.02 -14.53 -2.39
N LYS A 268 16.60 -15.40 -1.47
CA LYS A 268 17.45 -16.45 -0.89
C LYS A 268 18.66 -15.86 -0.17
N TRP A 269 18.44 -14.75 0.53
CA TRP A 269 19.47 -14.11 1.34
C TRP A 269 19.43 -14.59 2.79
N ASN A 270 20.56 -14.44 3.50
CA ASN A 270 20.67 -14.68 4.94
C ASN A 270 20.25 -16.10 5.33
N GLY A 271 20.52 -17.05 4.45
CA GLY A 271 20.18 -18.44 4.73
C GLY A 271 18.72 -18.80 4.61
N GLU A 272 17.88 -17.90 4.09
CA GLU A 272 16.45 -18.16 4.00
C GLU A 272 16.12 -19.00 2.76
N LYS A 273 15.03 -19.76 2.85
CA LYS A 273 14.54 -20.64 1.80
C LYS A 273 13.02 -20.56 1.75
N MET A 274 12.44 -20.75 0.56
CA MET A 274 10.98 -20.72 0.44
C MET A 274 10.32 -21.80 1.29
N SER A 275 10.96 -22.96 1.46
CA SER A 275 10.36 -24.03 2.26
C SER A 275 10.02 -23.56 3.67
N TYR A 276 10.76 -22.55 4.18
CA TYR A 276 10.48 -21.97 5.49
C TYR A 276 9.15 -21.23 5.56
N LEU A 277 8.50 -20.95 4.43
CA LEU A 277 7.23 -20.24 4.42
C LEU A 277 6.04 -21.12 4.79
N LYS A 278 6.25 -22.41 5.10
CA LYS A 278 5.12 -23.27 5.46
C LYS A 278 4.29 -22.68 6.60
N ASN A 279 4.94 -22.00 7.56
CA ASN A 279 4.22 -21.42 8.70
C ASN A 279 4.11 -19.90 8.61
N TRP A 280 4.12 -19.36 7.38
CA TRP A 280 4.02 -17.92 7.15
C TRP A 280 2.82 -17.32 7.87
N GLY A 281 3.01 -16.11 8.40
CA GLY A 281 1.99 -15.43 9.16
C GLY A 281 2.45 -15.15 10.58
N GLU A 282 1.52 -15.25 11.52
CA GLU A 282 1.86 -15.02 12.92
C GLU A 282 2.94 -16.00 13.41
N GLY A 283 3.11 -17.14 12.73
CA GLY A 283 4.21 -18.03 13.05
C GLY A 283 5.58 -17.41 12.87
N TRP A 284 5.67 -16.35 12.06
CA TRP A 284 6.88 -15.57 11.88
C TRP A 284 6.92 -14.34 12.79
N GLY A 285 6.00 -14.24 13.74
CA GLY A 285 5.99 -13.11 14.66
C GLY A 285 5.24 -11.90 14.17
N PHE A 286 4.42 -12.04 13.13
CA PHE A 286 3.66 -10.91 12.63
C PHE A 286 2.44 -10.67 13.52
N VAL A 287 1.79 -9.52 13.32
CA VAL A 287 0.57 -9.20 14.08
C VAL A 287 -0.52 -10.18 13.67
N PRO A 288 -1.59 -10.33 14.45
CA PRO A 288 -2.67 -11.23 14.02
C PRO A 288 -3.17 -10.85 12.64
N SER A 289 -3.54 -11.88 11.86
CA SER A 289 -3.93 -11.67 10.47
C SER A 289 -5.04 -10.63 10.33
N ASP A 290 -6.01 -10.60 11.27
CA ASP A 290 -7.13 -9.68 11.18
C ASP A 290 -6.77 -8.26 11.58
N ARG A 291 -5.53 -7.99 11.95
CA ARG A 291 -5.11 -6.62 12.19
C ARG A 291 -4.03 -6.15 11.22
N ALA A 292 -3.72 -6.94 10.19
CA ALA A 292 -2.59 -6.67 9.31
C ALA A 292 -3.07 -6.13 7.97
N LEU A 293 -2.41 -5.08 7.52
CA LEU A 293 -2.43 -4.65 6.13
C LEU A 293 -1.06 -5.02 5.57
N VAL A 294 -1.03 -5.91 4.57
CA VAL A 294 0.25 -6.44 4.08
C VAL A 294 0.51 -5.97 2.65
N PHE A 295 1.78 -6.06 2.25
CA PHE A 295 2.25 -5.54 0.97
C PHE A 295 3.68 -6.03 0.80
N VAL A 296 4.12 -6.15 -0.46
CA VAL A 296 5.50 -6.52 -0.74
C VAL A 296 6.42 -5.32 -0.63
N ASP A 297 6.02 -4.21 -1.26
CA ASP A 297 6.70 -2.93 -1.16
C ASP A 297 5.64 -1.85 -1.00
N ASN A 298 6.05 -0.69 -0.47
CA ASN A 298 5.20 0.49 -0.57
C ASN A 298 5.97 1.62 -1.23
N HIS A 299 5.28 2.75 -1.37
CA HIS A 299 5.85 3.88 -2.12
C HIS A 299 7.17 4.34 -1.49
N ASP A 300 7.29 4.17 -0.18
CA ASP A 300 8.47 4.63 0.54
C ASP A 300 9.64 3.64 0.41
N ASN A 301 9.45 2.39 0.87
CA ASN A 301 10.59 1.47 0.91
C ASN A 301 10.90 0.85 -0.45
N GLN A 302 10.09 1.10 -1.49
CA GLN A 302 10.55 0.67 -2.82
C GLN A 302 11.75 1.48 -3.29
N ARG A 303 12.09 2.57 -2.62
CA ARG A 303 13.29 3.36 -2.92
C ARG A 303 14.53 2.89 -2.16
N GLY A 304 14.44 1.77 -1.45
CA GLY A 304 15.62 1.06 -0.97
C GLY A 304 16.25 1.62 0.29
N HIS A 305 15.70 2.69 0.84
CA HIS A 305 16.23 3.32 2.04
C HIS A 305 15.41 2.97 3.28
N GLY A 306 14.35 2.18 3.14
CA GLY A 306 13.31 2.09 4.14
C GLY A 306 13.44 0.88 5.03
N ALA A 307 12.30 0.45 5.56
CA ALA A 307 12.22 -0.77 6.35
C ALA A 307 12.47 -1.97 5.44
N GLY A 308 13.65 -2.59 5.59
CA GLY A 308 14.09 -3.70 4.76
C GLY A 308 15.26 -3.38 3.85
N GLY A 309 15.51 -2.10 3.58
CA GLY A 309 16.63 -1.72 2.74
C GLY A 309 16.59 -2.36 1.37
N ALA A 310 17.69 -2.99 1.00
CA ALA A 310 17.84 -3.57 -0.33
C ALA A 310 17.08 -4.88 -0.50
N SER A 311 16.54 -5.46 0.58
CA SER A 311 15.85 -6.72 0.40
C SER A 311 14.45 -6.56 -0.16
N ILE A 312 13.86 -5.37 -0.04
CA ILE A 312 12.52 -5.14 -0.56
C ILE A 312 12.52 -5.36 -2.06
N LEU A 313 11.61 -6.22 -2.52
CA LEU A 313 11.39 -6.44 -3.95
C LEU A 313 10.50 -5.37 -4.54
N THR A 314 10.86 -4.90 -5.74
CA THR A 314 10.10 -3.85 -6.40
C THR A 314 9.93 -4.20 -7.88
N PHE A 315 9.23 -3.32 -8.62
CA PHE A 315 9.05 -3.55 -10.06
C PHE A 315 10.38 -3.58 -10.80
N TRP A 316 11.42 -2.98 -10.23
CA TRP A 316 12.74 -3.04 -10.85
C TRP A 316 13.27 -4.47 -10.90
N ASP A 317 12.85 -5.32 -9.96
CA ASP A 317 13.20 -6.75 -9.95
C ASP A 317 12.00 -7.60 -10.38
N ALA A 318 11.53 -7.34 -11.60
CA ALA A 318 10.18 -7.77 -11.98
C ALA A 318 9.96 -9.27 -11.80
N ARG A 319 10.95 -10.10 -12.16
CA ARG A 319 10.73 -11.55 -12.13
C ARG A 319 10.51 -12.06 -10.71
N LEU A 320 11.40 -11.70 -9.78
CA LEU A 320 11.18 -12.08 -8.40
C LEU A 320 9.99 -11.34 -7.81
N TYR A 321 9.79 -10.10 -8.24
CA TYR A 321 8.70 -9.30 -7.68
C TYR A 321 7.36 -9.95 -7.96
N LYS A 322 7.16 -10.44 -9.19
CA LYS A 322 5.90 -11.10 -9.52
C LYS A 322 5.68 -12.34 -8.65
N MET A 323 6.76 -13.10 -8.38
CA MET A 323 6.67 -14.26 -7.50
C MET A 323 6.26 -13.86 -6.09
N ALA A 324 6.87 -12.80 -5.54
CA ALA A 324 6.53 -12.36 -4.17
C ALA A 324 5.09 -11.87 -4.07
N VAL A 325 4.64 -11.09 -5.04
CA VAL A 325 3.25 -10.63 -5.05
C VAL A 325 2.32 -11.82 -5.21
N GLY A 326 2.72 -12.80 -6.02
CA GLY A 326 1.87 -13.98 -6.19
C GLY A 326 1.72 -14.78 -4.91
N PHE A 327 2.83 -14.98 -4.19
CA PHE A 327 2.73 -15.69 -2.93
C PHE A 327 1.84 -14.92 -1.97
N MET A 328 2.05 -13.61 -1.86
CA MET A 328 1.24 -12.78 -0.96
C MET A 328 -0.25 -12.88 -1.32
N LEU A 329 -0.59 -12.71 -2.59
CA LEU A 329 -2.00 -12.76 -2.97
C LEU A 329 -2.61 -14.14 -2.81
N ALA A 330 -1.82 -15.21 -2.86
CA ALA A 330 -2.41 -16.54 -2.69
C ALA A 330 -2.58 -16.91 -1.22
N HIS A 331 -1.72 -16.38 -0.33
CA HIS A 331 -1.73 -16.77 1.07
C HIS A 331 -2.81 -16.02 1.84
N PRO A 332 -3.53 -16.72 2.73
CA PRO A 332 -4.66 -16.10 3.45
C PRO A 332 -4.28 -14.99 4.44
N TYR A 333 -3.02 -14.87 4.85
CA TYR A 333 -2.68 -13.88 5.87
C TYR A 333 -2.91 -12.45 5.38
N GLY A 334 -3.68 -11.68 6.15
CA GLY A 334 -3.71 -10.24 6.04
C GLY A 334 -4.66 -9.73 4.98
N PHE A 335 -4.88 -8.41 4.99
CA PHE A 335 -5.55 -7.74 3.88
C PHE A 335 -4.48 -7.16 2.96
N THR A 336 -4.57 -7.46 1.68
CA THR A 336 -3.47 -7.22 0.75
C THR A 336 -3.60 -5.89 0.01
N ARG A 337 -2.48 -5.17 -0.08
CA ARG A 337 -2.35 -3.95 -0.87
C ARG A 337 -1.28 -4.18 -1.94
N VAL A 338 -1.61 -3.83 -3.18
CA VAL A 338 -0.70 -3.96 -4.30
C VAL A 338 -0.20 -2.57 -4.66
N MET A 339 1.09 -2.46 -4.96
CA MET A 339 1.70 -1.18 -5.30
C MET A 339 1.56 -0.92 -6.80
N SER A 340 1.36 0.35 -7.18
CA SER A 340 1.39 0.77 -8.58
C SER A 340 2.23 2.04 -8.65
N SER A 341 3.34 1.98 -9.38
CA SER A 341 4.43 2.93 -9.25
C SER A 341 4.64 3.75 -10.52
N TYR A 342 5.59 4.69 -10.44
CA TYR A 342 6.14 5.35 -11.61
C TYR A 342 7.65 5.18 -11.62
N ARG A 343 8.24 5.27 -12.82
CA ARG A 343 9.68 5.15 -12.97
C ARG A 343 10.35 6.49 -12.71
N TRP A 344 11.57 6.42 -12.22
CA TRP A 344 12.40 7.58 -11.98
C TRP A 344 13.83 7.17 -12.28
N PRO A 345 14.74 8.14 -12.55
CA PRO A 345 16.14 7.78 -12.85
C PRO A 345 16.93 7.39 -11.61
N ARG A 346 16.88 6.12 -11.26
CA ARG A 346 17.53 5.63 -10.05
C ARG A 346 19.05 5.77 -10.16
N GLN A 347 19.71 6.26 -9.10
CA GLN A 347 21.16 6.49 -9.18
C GLN A 347 21.78 6.19 -7.82
N PHE A 348 22.19 4.95 -7.63
CA PHE A 348 22.69 4.53 -6.34
C PHE A 348 24.12 5.01 -6.15
N GLN A 349 24.39 5.59 -4.99
CA GLN A 349 25.72 5.93 -4.52
C GLN A 349 25.80 5.46 -3.08
N ASN A 350 26.61 4.43 -2.82
CA ASN A 350 26.74 3.83 -1.49
C ASN A 350 25.46 3.14 -1.04
N GLY A 351 24.83 2.39 -1.94
CA GLY A 351 23.62 1.67 -1.60
C GLY A 351 22.40 2.52 -1.37
N ASN A 352 22.47 3.84 -1.56
CA ASN A 352 21.29 4.69 -1.43
C ASN A 352 21.12 5.55 -2.67
N ASP A 353 19.87 5.73 -3.07
CA ASP A 353 19.53 6.29 -4.37
C ASP A 353 19.39 7.80 -4.24
N VAL A 354 20.30 8.56 -4.85
CA VAL A 354 20.27 10.01 -4.69
C VAL A 354 19.06 10.65 -5.35
N ASN A 355 18.37 9.91 -6.22
CA ASN A 355 17.17 10.40 -6.87
C ASN A 355 15.91 9.84 -6.28
N ASP A 356 15.97 9.33 -5.05
CA ASP A 356 14.78 8.74 -4.45
C ASP A 356 13.72 9.78 -4.12
N TRP A 357 14.02 11.07 -4.28
CA TRP A 357 13.07 12.15 -4.05
C TRP A 357 12.21 12.45 -5.26
N VAL A 358 12.62 12.00 -6.45
CA VAL A 358 11.99 12.47 -7.68
C VAL A 358 10.50 12.16 -7.68
N GLY A 359 9.72 13.15 -8.10
CA GLY A 359 8.27 13.05 -8.09
C GLY A 359 7.73 12.35 -9.31
N PRO A 360 6.41 12.35 -9.45
CA PRO A 360 5.75 11.65 -10.55
C PRO A 360 6.15 12.24 -11.90
N PRO A 361 5.97 11.47 -12.98
CA PRO A 361 6.25 12.00 -14.31
C PRO A 361 5.53 13.33 -14.52
N ASN A 362 6.29 14.32 -15.00
CA ASN A 362 5.75 15.68 -15.03
C ASN A 362 6.32 16.47 -16.20
N ASN A 363 5.57 17.48 -16.63
CA ASN A 363 6.08 18.52 -17.51
C ASN A 363 6.12 19.81 -16.70
N ASN A 364 7.32 20.22 -16.29
CA ASN A 364 7.50 21.45 -15.51
C ASN A 364 6.61 21.45 -14.26
N GLY A 365 6.50 20.27 -13.63
CA GLY A 365 5.76 20.14 -12.39
C GLY A 365 4.31 19.72 -12.55
N VAL A 366 3.76 19.79 -13.76
CA VAL A 366 2.39 19.35 -14.01
C VAL A 366 2.41 17.85 -14.23
N ILE A 367 1.66 17.09 -13.42
CA ILE A 367 1.72 15.63 -13.52
C ILE A 367 1.16 15.19 -14.86
N LYS A 368 1.87 14.25 -15.52
CA LYS A 368 1.42 13.69 -16.80
C LYS A 368 0.28 12.71 -16.61
N GLU A 369 -0.63 12.69 -17.59
CA GLU A 369 -1.74 11.76 -17.55
C GLU A 369 -1.23 10.33 -17.68
N VAL A 370 -2.01 9.40 -17.15
CA VAL A 370 -1.79 7.97 -17.37
C VAL A 370 -2.36 7.60 -18.74
N THR A 371 -1.51 7.21 -19.67
CA THR A 371 -1.97 6.72 -20.96
C THR A 371 -1.96 5.20 -20.94
N ILE A 372 -2.89 4.60 -21.67
CA ILE A 372 -3.02 3.15 -21.72
C ILE A 372 -2.42 2.69 -23.04
N ASN A 373 -1.37 1.87 -22.96
CA ASN A 373 -0.73 1.34 -24.14
C ASN A 373 -1.60 0.26 -24.77
N PRO A 374 -1.34 -0.08 -26.04
CA PRO A 374 -2.15 -1.12 -26.68
C PRO A 374 -2.12 -2.48 -25.97
N ASP A 375 -1.02 -2.87 -25.34
CA ASP A 375 -0.98 -4.13 -24.62
C ASP A 375 -1.60 -4.05 -23.21
N THR A 376 -2.26 -2.92 -22.91
CA THR A 376 -2.96 -2.61 -21.67
C THR A 376 -2.02 -2.35 -20.49
N THR A 377 -0.72 -2.15 -20.73
CA THR A 377 0.14 -1.51 -19.74
C THR A 377 0.00 0.01 -19.88
N CYS A 378 0.87 0.78 -19.23
CA CYS A 378 0.76 2.24 -19.22
C CYS A 378 1.97 2.89 -19.83
N GLY A 379 1.75 4.06 -20.44
CA GLY A 379 2.81 4.89 -20.94
C GLY A 379 3.12 6.05 -19.98
N ASN A 380 3.90 6.99 -20.50
CA ASN A 380 4.32 8.18 -19.74
C ASN A 380 5.08 7.80 -18.47
N ASP A 381 5.69 6.62 -18.48
CA ASP A 381 6.55 6.11 -17.42
C ASP A 381 5.79 5.79 -16.14
N TRP A 382 4.47 5.64 -16.22
CA TRP A 382 3.73 4.94 -15.16
C TRP A 382 3.91 3.44 -15.32
N VAL A 383 4.29 2.78 -14.23
CA VAL A 383 4.62 1.35 -14.31
C VAL A 383 3.37 0.48 -14.40
N CYS A 384 2.33 0.86 -13.67
CA CYS A 384 1.06 0.11 -13.64
C CYS A 384 1.28 -1.38 -13.38
N GLU A 385 1.98 -1.70 -12.26
CA GLU A 385 2.13 -3.11 -11.87
C GLU A 385 0.78 -3.81 -11.77
N HIS A 386 -0.26 -3.08 -11.36
CA HIS A 386 -1.55 -3.71 -11.16
C HIS A 386 -2.19 -4.15 -12.47
N ARG A 387 -1.67 -3.69 -13.61
CA ARG A 387 -2.11 -4.17 -14.91
C ARG A 387 -1.22 -5.28 -15.47
N TRP A 388 -0.15 -5.68 -14.79
CA TRP A 388 0.63 -6.81 -15.27
C TRP A 388 -0.22 -8.07 -15.17
N ARG A 389 -0.22 -8.88 -16.23
CA ARG A 389 -1.10 -10.05 -16.22
C ARG A 389 -0.88 -10.91 -14.99
N GLN A 390 0.39 -11.13 -14.63
CA GLN A 390 0.71 -12.02 -13.51
C GLN A 390 0.18 -11.48 -12.18
N ILE A 391 0.12 -10.17 -12.03
CA ILE A 391 -0.37 -9.58 -10.79
C ILE A 391 -1.89 -9.44 -10.79
N ARG A 392 -2.44 -8.83 -11.84
CA ARG A 392 -3.90 -8.73 -11.95
C ARG A 392 -4.56 -10.11 -11.82
N ASN A 393 -3.98 -11.15 -12.42
CA ASN A 393 -4.67 -12.43 -12.33
C ASN A 393 -4.57 -13.03 -10.94
N MET A 394 -3.57 -12.63 -10.16
CA MET A 394 -3.50 -13.09 -8.78
C MET A 394 -4.38 -12.25 -7.86
N VAL A 395 -4.65 -11.00 -8.21
CA VAL A 395 -5.71 -10.26 -7.52
C VAL A 395 -7.04 -11.01 -7.67
N ILE A 396 -7.31 -11.54 -8.86
CA ILE A 396 -8.53 -12.31 -9.12
C ILE A 396 -8.49 -13.65 -8.41
N PHE A 397 -7.35 -14.34 -8.43
CA PHE A 397 -7.20 -15.59 -7.67
C PHE A 397 -7.62 -15.38 -6.23
N ARG A 398 -7.10 -14.31 -5.61
CA ARG A 398 -7.41 -14.08 -4.21
C ARG A 398 -8.91 -13.86 -3.99
N ASN A 399 -9.59 -13.19 -4.93
CA ASN A 399 -11.04 -13.10 -4.85
C ASN A 399 -11.68 -14.47 -4.87
N VAL A 400 -11.26 -15.30 -5.83
CA VAL A 400 -11.94 -16.57 -6.08
C VAL A 400 -11.83 -17.53 -4.91
N VAL A 401 -10.69 -17.50 -4.20
CA VAL A 401 -10.43 -18.42 -3.10
C VAL A 401 -10.76 -17.83 -1.74
N ASP A 402 -11.32 -16.61 -1.70
CA ASP A 402 -11.57 -15.92 -0.44
C ASP A 402 -12.31 -16.81 0.54
N GLY A 403 -11.81 -16.89 1.76
CA GLY A 403 -12.44 -17.69 2.77
C GLY A 403 -11.92 -19.11 2.89
N GLN A 404 -11.21 -19.63 1.86
CA GLN A 404 -10.80 -21.02 1.87
C GLN A 404 -9.50 -21.24 2.63
N PRO A 405 -9.36 -22.38 3.31
CA PRO A 405 -8.20 -22.60 4.16
C PRO A 405 -6.92 -22.92 3.40
N PHE A 406 -5.81 -22.45 3.95
CA PHE A 406 -4.47 -22.85 3.52
C PHE A 406 -4.31 -24.36 3.71
N THR A 407 -3.96 -25.07 2.63
CA THR A 407 -3.97 -26.53 2.70
C THR A 407 -3.09 -27.09 1.60
N ASN A 408 -2.84 -28.40 1.66
CA ASN A 408 -2.08 -29.14 0.64
C ASN A 408 -0.69 -28.53 0.39
N TRP A 409 -0.02 -28.15 1.46
CA TRP A 409 1.34 -27.61 1.34
C TRP A 409 2.32 -28.69 0.91
N TYR A 410 3.18 -28.35 -0.06
CA TYR A 410 4.33 -29.16 -0.45
C TYR A 410 5.58 -28.30 -0.40
N ASP A 411 6.72 -28.92 -0.06
CA ASP A 411 8.01 -28.30 -0.28
C ASP A 411 9.07 -29.38 -0.49
N ASN A 412 10.14 -29.00 -1.19
CA ASN A 412 11.27 -29.89 -1.44
C ASN A 412 12.41 -29.69 -0.44
N GLY A 413 12.14 -29.05 0.69
CA GLY A 413 13.21 -28.75 1.63
C GLY A 413 14.18 -27.69 1.15
N SER A 414 13.88 -27.04 0.02
CA SER A 414 14.73 -25.98 -0.50
C SER A 414 13.82 -24.83 -0.93
N ASN A 415 13.67 -24.62 -2.25
CA ASN A 415 12.92 -23.46 -2.75
C ASN A 415 11.84 -23.82 -3.75
N GLN A 416 11.34 -25.06 -3.73
CA GLN A 416 10.22 -25.48 -4.57
C GLN A 416 9.06 -25.80 -3.62
N VAL A 417 8.00 -24.99 -3.68
CA VAL A 417 6.90 -25.08 -2.74
C VAL A 417 5.59 -24.95 -3.50
N ALA A 418 4.52 -25.43 -2.88
CA ALA A 418 3.17 -25.33 -3.44
C ALA A 418 2.18 -25.38 -2.30
N PHE A 419 0.98 -24.86 -2.55
CA PHE A 419 -0.10 -25.00 -1.59
C PHE A 419 -1.41 -24.64 -2.27
N GLY A 420 -2.50 -25.07 -1.64
CA GLY A 420 -3.83 -24.82 -2.14
C GLY A 420 -4.62 -23.94 -1.18
N ARG A 421 -5.75 -23.46 -1.67
CA ARG A 421 -6.72 -22.74 -0.86
C ARG A 421 -8.02 -23.52 -1.00
N GLY A 422 -8.27 -24.38 -0.02
CA GLY A 422 -9.48 -25.19 -0.03
C GLY A 422 -9.54 -26.00 -1.30
N ASN A 423 -10.72 -26.02 -1.91
CA ASN A 423 -10.91 -26.67 -3.21
C ASN A 423 -11.09 -25.64 -4.32
N ARG A 424 -10.55 -24.43 -4.14
CA ARG A 424 -10.77 -23.33 -5.08
C ARG A 424 -9.52 -22.84 -5.80
N GLY A 425 -8.32 -23.09 -5.28
CA GLY A 425 -7.13 -22.60 -5.96
C GLY A 425 -5.92 -23.41 -5.54
N PHE A 426 -4.91 -23.40 -6.42
CA PHE A 426 -3.63 -24.05 -6.15
C PHE A 426 -2.52 -23.26 -6.84
N ILE A 427 -1.35 -23.19 -6.21
CA ILE A 427 -0.24 -22.38 -6.72
C ILE A 427 1.08 -23.10 -6.44
N VAL A 428 2.01 -23.00 -7.39
CA VAL A 428 3.24 -23.80 -7.41
C VAL A 428 4.39 -22.88 -7.78
N PHE A 429 5.44 -22.85 -6.94
CA PHE A 429 6.59 -21.98 -7.14
C PHE A 429 7.86 -22.81 -7.29
N ASN A 430 8.71 -22.42 -8.25
CA ASN A 430 10.06 -22.98 -8.34
C ASN A 430 11.06 -21.83 -8.22
N ASN A 431 11.69 -21.71 -7.05
CA ASN A 431 12.77 -20.75 -6.88
C ASN A 431 14.11 -21.44 -6.64
N ASP A 432 14.27 -22.67 -7.11
CA ASP A 432 15.56 -23.37 -7.06
C ASP A 432 16.25 -23.26 -8.42
N ASP A 433 17.52 -23.66 -8.45
CA ASP A 433 18.33 -23.58 -9.66
C ASP A 433 18.30 -24.89 -10.45
N TRP A 434 17.16 -25.56 -10.44
CA TRP A 434 16.93 -26.73 -11.27
C TRP A 434 15.43 -26.82 -11.48
N SER A 435 15.04 -27.66 -12.45
CA SER A 435 13.63 -27.73 -12.82
C SER A 435 12.81 -28.39 -11.73
N PHE A 436 11.52 -28.06 -11.75
CA PHE A 436 10.50 -28.59 -10.86
C PHE A 436 9.56 -29.39 -11.74
N SER A 437 9.61 -30.71 -11.63
CA SER A 437 8.74 -31.56 -12.42
C SER A 437 8.16 -32.62 -11.49
N LEU A 438 6.89 -32.48 -11.13
CA LEU A 438 6.36 -33.28 -10.04
C LEU A 438 4.84 -33.28 -10.09
N THR A 439 4.25 -34.40 -9.73
CA THR A 439 2.80 -34.49 -9.57
C THR A 439 2.44 -34.12 -8.14
N LEU A 440 1.46 -33.24 -7.98
CA LEU A 440 1.08 -32.71 -6.68
C LEU A 440 -0.42 -32.89 -6.45
N GLN A 441 -0.80 -33.07 -5.19
CA GLN A 441 -2.20 -32.98 -4.80
C GLN A 441 -2.63 -31.52 -4.77
N THR A 442 -3.64 -31.19 -5.58
CA THR A 442 -4.08 -29.80 -5.74
C THR A 442 -5.30 -29.46 -4.91
N GLY A 443 -6.06 -30.44 -4.43
CA GLY A 443 -7.34 -30.18 -3.81
C GLY A 443 -8.45 -29.79 -4.77
N LEU A 444 -8.17 -29.63 -6.08
CA LEU A 444 -9.19 -29.10 -6.96
C LEU A 444 -9.96 -30.21 -7.66
N PRO A 445 -11.22 -29.92 -8.01
CA PRO A 445 -12.01 -30.85 -8.82
C PRO A 445 -11.33 -31.17 -10.16
N ALA A 446 -11.61 -32.36 -10.66
CA ALA A 446 -10.97 -32.81 -11.90
C ALA A 446 -11.33 -31.92 -13.09
N GLY A 447 -10.38 -31.72 -13.97
CA GLY A 447 -10.63 -31.04 -15.22
C GLY A 447 -9.39 -30.33 -15.71
N THR A 448 -9.60 -29.50 -16.74
CA THR A 448 -8.54 -28.75 -17.38
C THR A 448 -8.57 -27.31 -16.89
N TYR A 449 -7.43 -26.81 -16.43
CA TYR A 449 -7.34 -25.46 -15.85
C TYR A 449 -6.32 -24.63 -16.60
N CYS A 450 -6.68 -23.38 -16.93
CA CYS A 450 -5.72 -22.45 -17.50
C CYS A 450 -4.81 -21.94 -16.39
N ASP A 451 -3.51 -22.03 -16.61
CA ASP A 451 -2.56 -21.34 -15.75
C ASP A 451 -2.72 -19.83 -15.95
N VAL A 452 -3.09 -19.10 -14.88
CA VAL A 452 -3.35 -17.67 -15.02
C VAL A 452 -2.08 -16.83 -14.87
N ILE A 453 -0.92 -17.46 -14.69
CA ILE A 453 0.32 -16.68 -14.71
C ILE A 453 0.82 -16.53 -16.13
N SER A 454 0.89 -17.63 -16.88
CA SER A 454 1.39 -17.56 -18.25
C SER A 454 0.35 -17.08 -19.25
N GLY A 455 -0.92 -17.15 -18.89
CA GLY A 455 -1.95 -16.74 -19.82
C GLY A 455 -3.25 -16.43 -19.12
N ASP A 456 -4.33 -16.55 -19.87
CA ASP A 456 -5.67 -16.18 -19.43
C ASP A 456 -6.66 -17.23 -19.93
N LYS A 457 -7.78 -17.35 -19.22
CA LYS A 457 -8.94 -18.04 -19.77
C LYS A 457 -9.79 -17.01 -20.51
N ILE A 458 -10.08 -17.29 -21.78
CA ILE A 458 -10.90 -16.44 -22.65
C ILE A 458 -11.86 -17.36 -23.38
N ASN A 459 -13.17 -17.11 -23.23
CA ASN A 459 -14.23 -18.03 -23.68
C ASN A 459 -13.97 -19.38 -22.98
N GLY A 460 -13.82 -20.47 -23.74
CA GLY A 460 -13.41 -21.76 -23.21
C GLY A 460 -12.02 -22.12 -23.70
N ASN A 461 -11.16 -21.13 -23.84
CA ASN A 461 -9.80 -21.34 -24.31
C ASN A 461 -8.80 -20.77 -23.31
N CYS A 462 -7.61 -21.36 -23.27
CA CYS A 462 -6.47 -20.84 -22.53
C CYS A 462 -5.49 -20.21 -23.51
N THR A 463 -4.90 -19.08 -23.13
CA THR A 463 -3.88 -18.49 -23.98
C THR A 463 -2.47 -18.87 -23.57
N GLY A 464 -2.30 -19.60 -22.46
CA GLY A 464 -0.99 -20.05 -22.03
C GLY A 464 -1.02 -21.54 -21.71
N ILE A 465 -0.36 -21.88 -20.59
CA ILE A 465 -0.23 -23.25 -20.12
C ILE A 465 -1.56 -23.79 -19.64
N LYS A 466 -1.75 -25.10 -19.83
CA LYS A 466 -2.91 -25.85 -19.34
C LYS A 466 -2.47 -26.92 -18.37
N ILE A 467 -3.20 -27.02 -17.26
CA ILE A 467 -2.95 -27.99 -16.20
C ILE A 467 -4.10 -28.98 -16.18
N TYR A 468 -3.78 -30.27 -16.11
CA TYR A 468 -4.79 -31.33 -16.12
C TYR A 468 -4.89 -31.96 -14.74
N VAL A 469 -5.99 -31.71 -14.05
CA VAL A 469 -6.23 -32.29 -12.73
C VAL A 469 -7.06 -33.56 -12.91
N SER A 470 -6.55 -34.67 -12.38
CA SER A 470 -7.23 -35.95 -12.51
C SER A 470 -8.25 -36.13 -11.38
N ASP A 471 -8.97 -37.25 -11.42
CA ASP A 471 -10.08 -37.46 -10.47
C ASP A 471 -9.61 -37.49 -9.03
N ASP A 472 -8.36 -37.85 -8.79
CA ASP A 472 -7.80 -37.85 -7.45
C ASP A 472 -7.35 -36.47 -6.99
N GLY A 473 -7.54 -35.43 -7.80
CA GLY A 473 -7.06 -34.09 -7.46
C GLY A 473 -5.60 -33.84 -7.77
N LYS A 474 -4.89 -34.80 -8.36
CA LYS A 474 -3.47 -34.64 -8.61
C LYS A 474 -3.23 -34.12 -10.02
N ALA A 475 -2.14 -33.37 -10.16
CA ALA A 475 -1.79 -32.75 -11.42
C ALA A 475 -0.28 -32.68 -11.53
N HIS A 476 0.23 -32.88 -12.74
CA HIS A 476 1.66 -32.73 -13.00
C HIS A 476 1.96 -31.28 -13.33
N PHE A 477 3.03 -30.76 -12.73
CA PHE A 477 3.53 -29.41 -12.99
C PHE A 477 4.98 -29.49 -13.42
N SER A 478 5.32 -28.76 -14.47
N SER A 478 5.34 -28.74 -14.45
CA SER A 478 6.70 -28.64 -14.93
CA SER A 478 6.72 -28.67 -14.93
C SER A 478 7.04 -27.17 -14.99
C SER A 478 7.10 -27.19 -15.05
N ILE A 479 8.08 -26.76 -14.25
CA ILE A 479 8.53 -25.37 -14.22
C ILE A 479 10.04 -25.38 -14.32
N SER A 480 10.58 -24.96 -15.46
CA SER A 480 12.02 -24.77 -15.56
C SER A 480 12.45 -23.61 -14.67
N ASN A 481 13.65 -23.73 -14.10
CA ASN A 481 14.23 -22.60 -13.39
C ASN A 481 14.58 -21.45 -14.33
N SER A 482 14.62 -21.71 -15.64
CA SER A 482 14.81 -20.66 -16.62
C SER A 482 13.51 -19.99 -17.05
N ALA A 483 12.35 -20.50 -16.61
CA ALA A 483 11.07 -19.99 -17.09
C ALA A 483 10.95 -18.49 -16.81
N GLU A 484 10.27 -17.79 -17.71
CA GLU A 484 10.08 -16.34 -17.54
C GLU A 484 9.45 -16.03 -16.19
N ASP A 485 8.34 -16.69 -15.86
CA ASP A 485 7.70 -16.60 -14.55
C ASP A 485 7.68 -18.00 -13.94
N PRO A 486 8.56 -18.29 -12.98
CA PRO A 486 8.69 -19.67 -12.48
C PRO A 486 7.63 -20.06 -11.46
N PHE A 487 6.38 -19.71 -11.74
CA PHE A 487 5.29 -20.20 -10.90
C PHE A 487 4.03 -20.32 -11.73
N ILE A 488 3.13 -21.19 -11.28
CA ILE A 488 1.88 -21.51 -11.95
C ILE A 488 0.76 -21.38 -10.92
N ALA A 489 -0.37 -20.81 -11.35
CA ALA A 489 -1.54 -20.68 -10.47
C ALA A 489 -2.79 -21.05 -11.25
N ILE A 490 -3.65 -21.89 -10.66
CA ILE A 490 -4.93 -22.28 -11.25
C ILE A 490 -6.00 -22.14 -10.18
N HIS A 491 -7.24 -21.91 -10.60
CA HIS A 491 -8.31 -21.75 -9.62
C HIS A 491 -9.64 -22.09 -10.29
N ALA A 492 -10.71 -22.03 -9.49
CA ALA A 492 -12.02 -22.50 -9.91
C ALA A 492 -12.55 -21.76 -11.13
N GLU A 493 -12.23 -20.48 -11.26
CA GLU A 493 -12.71 -19.72 -12.39
C GLU A 493 -11.76 -19.74 -13.59
N SER A 494 -10.64 -20.45 -13.50
CA SER A 494 -9.80 -20.67 -14.68
C SER A 494 -9.98 -22.06 -15.27
N LYS A 495 -10.93 -22.82 -14.75
CA LYS A 495 -11.23 -24.17 -15.24
C LYS A 495 -12.02 -24.08 -16.54
N LEU A 496 -11.62 -24.86 -17.54
CA LEU A 496 -12.35 -24.87 -18.81
C LEU A 496 -13.67 -25.61 -18.67
C ACE B 1 16.16 9.34 7.75
O ACE B 1 15.76 10.45 8.14
CH3 ACE B 1 17.49 9.31 7.03
N DTY B 2 15.49 8.17 7.93
CA DTY B 2 14.11 8.14 8.66
C DTY B 2 13.19 8.17 7.59
O DTY B 2 12.95 7.64 6.54
CB DTY B 2 13.96 6.87 9.46
CG DTY B 2 12.61 6.86 10.07
CD1 DTY B 2 12.36 7.62 11.21
CD2 DTY B 2 11.57 6.13 9.50
CE1 DTY B 2 11.09 7.65 11.80
CE2 DTY B 2 10.29 6.14 10.06
CZ DTY B 2 10.06 6.90 11.22
OH DTY B 2 8.80 6.92 11.79
N PRO B 3 12.12 9.14 7.91
CA PRO B 3 10.82 9.07 7.22
C PRO B 3 10.88 9.55 5.77
N TYR B 4 9.92 9.11 4.96
CA TYR B 4 9.79 9.56 3.57
C TYR B 4 11.10 9.34 2.78
N SER B 5 11.57 8.10 2.83
CA SER B 5 12.78 7.67 2.13
C SER B 5 13.94 8.58 2.51
N CYS B 6 14.03 8.84 3.82
CA CYS B 6 15.04 9.72 4.41
C CYS B 6 15.10 11.08 3.69
N TRP B 7 13.92 11.73 3.64
CA TRP B 7 13.77 12.99 2.91
C TRP B 7 14.66 14.08 3.46
N VAL B 8 14.95 14.06 4.76
CA VAL B 8 15.59 15.23 5.37
C VAL B 8 17.03 15.36 4.89
N ARG B 9 17.66 14.28 4.40
CA ARG B 9 19.02 14.36 3.89
C ARG B 9 19.14 15.18 2.61
N HIS B 10 18.16 15.50 1.94
CA HIS B 10 18.00 16.36 0.74
C HIS B 10 17.80 17.76 1.17
N NH2 B 11 18.27 18.08 2.44
CL CL C . 2.22 2.33 4.20
CA CA D . 3.53 13.85 17.07
#